data_9RLQ
#
_entry.id   9RLQ
#
_cell.length_a   45.020
_cell.length_b   67.980
_cell.length_c   155.090
_cell.angle_alpha   90.000
_cell.angle_beta   90.000
_cell.angle_gamma   90.000
#
_symmetry.space_group_name_H-M   'P 21 21 21'
#
loop_
_entity.id
_entity.type
_entity.pdbx_description
1 polymer 'Protein mono-ADP-ribosyltransferase PARP15'
2 non-polymer 6-[2-(2-fluorophenyl)ethoxy]-2,3-dihydrophthalazine-1,4-dione
3 non-polymer 'DIMETHYL SULFOXIDE'
4 water water
#
_entity_poly.entity_id   1
_entity_poly.type   'polypeptide(L)'
_entity_poly.pdbx_seq_one_letter_code
;SMNLPEHWTDMNHQLFCMVQLEPGQSEYNTIKDKFTRTCSSYAIEKIERIQNAFLWQSYQVKKRQMDIKNDHKNNERLLF
HGTDADSVPYVNQHGFNRSCAGKNAVSYGKGTYFAVDASYSAKDTYSKPDSNGRKHMYVVRVLTGVFTKGRAGLVTPPPK
NPHNPTDLFDSVTNNTRSPKLFVVFFDNQAYPEYLITFTA
;
_entity_poly.pdbx_strand_id   A,B
#
# COMPACT_ATOMS: atom_id res chain seq x y z
N ASN A 3 3.35 1.01 20.06
CA ASN A 3 4.28 1.95 20.67
C ASN A 3 4.03 3.40 20.27
N LEU A 4 2.96 4.01 20.79
CA LEU A 4 2.42 5.24 20.22
C LEU A 4 3.21 6.46 20.69
N PRO A 5 3.46 7.45 19.82
CA PRO A 5 4.27 8.61 20.23
C PRO A 5 3.78 9.19 21.54
N GLU A 6 4.70 9.77 22.31
CA GLU A 6 4.33 10.18 23.67
C GLU A 6 3.58 11.50 23.72
N HIS A 7 3.67 12.29 22.65
CA HIS A 7 2.89 13.52 22.56
C HIS A 7 1.44 13.26 22.20
N TRP A 8 1.08 12.01 21.93
CA TRP A 8 -0.32 11.70 21.71
C TRP A 8 -1.01 11.72 23.06
N THR A 9 -2.32 12.01 23.06
CA THR A 9 -3.12 11.96 24.27
C THR A 9 -4.02 10.73 24.24
N ASP A 10 -4.33 10.26 25.44
CA ASP A 10 -5.01 9.01 25.66
C ASP A 10 -6.23 8.92 24.80
N MET A 11 -6.63 7.72 24.50
CA MET A 11 -7.67 7.46 23.53
C MET A 11 -8.66 6.46 24.09
N ASN A 12 -8.63 6.23 25.40
CA ASN A 12 -9.62 5.38 26.04
C ASN A 12 -9.65 4.04 25.34
N HIS A 13 -8.45 3.49 25.10
CA HIS A 13 -8.26 2.16 24.53
C HIS A 13 -8.70 2.07 23.07
N GLN A 14 -8.75 3.19 22.38
CA GLN A 14 -9.22 3.23 20.99
C GLN A 14 -8.06 3.59 20.08
N LEU A 15 -8.22 3.33 18.79
CA LEU A 15 -7.10 3.37 17.86
C LEU A 15 -7.14 4.59 16.97
N PHE A 16 -8.16 5.42 17.07
CA PHE A 16 -8.28 6.57 16.18
C PHE A 16 -8.86 7.69 17.00
N CYS A 17 -8.16 8.82 17.04
CA CYS A 17 -8.75 10.06 17.50
C CYS A 17 -8.19 11.23 16.73
N MET A 18 -9.02 12.26 16.49
CA MET A 18 -8.59 13.56 15.98
C MET A 18 -8.67 14.51 17.17
N VAL A 19 -7.52 15.00 17.65
CA VAL A 19 -7.41 15.73 18.91
C VAL A 19 -7.13 17.18 18.60
N GLN A 20 -8.05 18.06 18.94
CA GLN A 20 -7.86 19.44 18.54
C GLN A 20 -6.84 20.08 19.46
N LEU A 21 -5.91 20.83 18.85
CA LEU A 21 -4.85 21.48 19.59
C LEU A 21 -5.31 22.81 20.14
N GLU A 22 -4.82 23.15 21.34
CA GLU A 22 -5.28 24.44 21.87
C GLU A 22 -4.34 25.55 21.43
N PRO A 23 -4.88 26.70 21.02
CA PRO A 23 -4.02 27.80 20.55
C PRO A 23 -3.07 28.31 21.62
N GLY A 24 -1.84 28.60 21.17
CA GLY A 24 -0.84 29.19 22.03
C GLY A 24 0.03 28.23 22.80
N GLN A 25 -0.32 26.95 22.86
CA GLN A 25 0.61 25.96 23.37
C GLN A 25 1.61 25.60 22.27
N SER A 26 2.73 24.99 22.68
CA SER A 26 3.93 24.91 21.84
C SER A 26 3.74 24.02 20.63
N GLU A 27 3.02 22.93 20.77
CA GLU A 27 2.79 22.09 19.61
C GLU A 27 1.99 22.82 18.52
N TYR A 28 0.90 23.49 18.91
CA TYR A 28 0.12 24.28 17.94
C TYR A 28 1.00 25.36 17.32
N ASN A 29 1.73 26.12 18.14
CA ASN A 29 2.56 27.18 17.58
C ASN A 29 3.52 26.64 16.50
N THR A 30 4.10 25.45 16.72
CA THR A 30 5.07 24.93 15.76
C THR A 30 4.39 24.72 14.41
N ILE A 31 3.27 23.99 14.39
CA ILE A 31 2.60 23.67 13.13
C ILE A 31 2.13 24.95 12.45
N LYS A 32 1.53 25.87 13.21
CA LYS A 32 1.03 27.14 12.66
C LYS A 32 2.18 27.93 12.03
N ASP A 33 3.30 28.04 12.75
CA ASP A 33 4.48 28.68 12.17
C ASP A 33 4.84 28.07 10.81
N LYS A 34 4.86 26.73 10.74
CA LYS A 34 5.19 26.07 9.49
C LYS A 34 4.25 26.49 8.35
N PHE A 35 2.94 26.60 8.66
CA PHE A 35 1.95 27.01 7.68
C PHE A 35 2.06 28.49 7.34
N THR A 36 2.11 29.37 8.37
CA THR A 36 2.09 30.81 8.18
C THR A 36 3.33 31.31 7.50
N ARG A 37 4.38 30.48 7.40
CA ARG A 37 5.56 30.90 6.66
C ARG A 37 5.21 31.33 5.23
N THR A 38 4.24 30.66 4.61
CA THR A 38 3.83 31.01 3.27
C THR A 38 2.35 31.29 3.14
N CYS A 39 1.58 31.08 4.19
CA CYS A 39 0.13 31.27 4.19
C CYS A 39 -0.30 32.22 5.30
N SER A 40 0.54 33.19 5.62
CA SER A 40 0.20 34.11 6.69
C SER A 40 -1.05 34.90 6.39
N SER A 41 -1.50 34.90 5.13
CA SER A 41 -2.65 35.67 4.71
C SER A 41 -3.98 34.94 4.88
N TYR A 42 -3.95 33.65 5.19
CA TYR A 42 -5.15 32.86 5.48
C TYR A 42 -5.48 32.92 6.98
N ALA A 43 -6.66 32.44 7.35
CA ALA A 43 -7.15 32.44 8.72
C ALA A 43 -7.34 31.02 9.20
N ILE A 44 -6.56 30.64 10.24
CA ILE A 44 -6.62 29.30 10.81
C ILE A 44 -7.84 29.18 11.72
N GLU A 45 -8.74 28.26 11.37
CA GLU A 45 -9.88 27.92 12.22
C GLU A 45 -9.48 26.93 13.32
N LYS A 46 -8.80 25.85 12.94
CA LYS A 46 -8.33 24.88 13.91
C LYS A 46 -7.22 24.04 13.33
N ILE A 47 -6.51 23.39 14.24
CA ILE A 47 -5.47 22.43 13.90
C ILE A 47 -5.79 21.23 14.76
N GLU A 48 -5.75 20.04 14.15
CA GLU A 48 -6.00 18.77 14.83
C GLU A 48 -4.87 17.82 14.59
N ARG A 49 -4.41 17.21 15.68
CA ARG A 49 -3.43 16.13 15.66
C ARG A 49 -4.14 14.85 15.27
N ILE A 50 -3.60 14.14 14.31
CA ILE A 50 -4.18 12.89 13.84
CA ILE A 50 -4.17 12.88 13.83
C ILE A 50 -3.50 11.75 14.58
N GLN A 51 -4.27 11.02 15.38
CA GLN A 51 -3.78 9.91 16.16
C GLN A 51 -4.44 8.65 15.61
N ASN A 52 -3.80 8.06 14.60
CA ASN A 52 -4.26 6.84 13.93
C ASN A 52 -3.23 5.75 14.22
N ALA A 53 -3.50 4.83 15.14
CA ALA A 53 -2.50 3.83 15.54
C ALA A 53 -2.06 2.94 14.37
N PHE A 54 -3.03 2.37 13.67
CA PHE A 54 -2.74 1.54 12.50
C PHE A 54 -1.84 2.22 11.49
N LEU A 55 -2.22 3.44 11.07
CA LEU A 55 -1.50 4.13 10.02
C LEU A 55 -0.07 4.36 10.47
N TRP A 56 0.06 4.82 11.71
CA TRP A 56 1.35 5.04 12.31
C TRP A 56 2.16 3.77 12.34
N GLN A 57 1.51 2.64 12.62
CA GLN A 57 2.28 1.41 12.75
C GLN A 57 2.87 0.98 11.41
N SER A 58 2.05 0.98 10.38
CA SER A 58 2.55 0.64 9.07
C SER A 58 3.63 1.61 8.61
N TYR A 59 3.45 2.90 8.88
CA TYR A 59 4.45 3.89 8.55
C TYR A 59 5.77 3.60 9.21
N GLN A 60 5.78 3.35 10.55
CA GLN A 60 7.04 3.17 11.27
C GLN A 60 7.76 1.90 10.82
N VAL A 61 7.01 0.84 10.54
CA VAL A 61 7.56 -0.30 9.83
C VAL A 61 8.28 0.15 8.56
N LYS A 62 7.60 0.89 7.71
CA LYS A 62 8.26 1.32 6.45
C LYS A 62 9.48 2.21 6.72
N LYS A 63 9.44 3.00 7.78
CA LYS A 63 10.60 3.83 8.08
C LYS A 63 11.76 2.99 8.56
N ARG A 64 11.48 1.99 9.39
CA ARG A 64 12.56 1.16 9.91
C ARG A 64 13.26 0.43 8.79
N GLN A 65 12.48 0.01 7.76
CA GLN A 65 13.00 -0.67 6.59
C GLN A 65 13.75 0.30 5.68
N MET A 66 13.19 1.46 5.39
CA MET A 66 13.96 2.44 4.62
C MET A 66 15.20 2.90 5.37
N ASP A 67 15.17 2.99 6.72
CA ASP A 67 16.40 3.30 7.45
C ASP A 67 17.46 2.21 7.22
N ILE A 68 17.05 0.95 7.24
CA ILE A 68 18.00 -0.16 7.03
C ILE A 68 18.51 -0.20 5.58
N LYS A 69 17.58 -0.12 4.60
CA LYS A 69 17.93 -0.16 3.18
C LYS A 69 18.90 0.95 2.77
N ASN A 70 18.66 2.17 3.22
CA ASN A 70 19.54 3.29 2.94
C ASN A 70 20.68 3.43 3.96
N ASP A 71 20.79 2.52 4.92
CA ASP A 71 21.90 2.39 5.87
C ASP A 71 22.12 3.64 6.71
N HIS A 72 21.21 4.60 6.65
CA HIS A 72 21.27 5.80 7.47
C HIS A 72 19.86 6.13 7.92
N LYS A 73 19.75 7.10 8.83
CA LYS A 73 18.47 7.46 9.42
C LYS A 73 18.04 8.88 9.05
N ASN A 74 17.97 9.24 7.76
CA ASN A 74 17.39 10.54 7.42
C ASN A 74 16.56 10.48 6.14
N ASN A 75 15.44 9.81 6.25
CA ASN A 75 14.57 9.56 5.12
C ASN A 75 13.22 10.28 5.20
N GLU A 76 13.00 11.15 6.21
CA GLU A 76 11.70 11.74 6.52
C GLU A 76 11.74 13.24 6.36
N ARG A 77 10.70 13.74 5.76
CA ARG A 77 10.49 15.17 5.56
C ARG A 77 9.12 15.48 6.09
N LEU A 78 8.94 16.69 6.59
CA LEU A 78 7.60 17.21 6.86
C LEU A 78 7.06 18.01 5.66
N LEU A 79 5.94 17.57 5.10
CA LEU A 79 5.41 18.18 3.88
C LEU A 79 3.93 18.48 4.06
N PHE A 80 3.35 19.12 3.04
CA PHE A 80 1.96 19.51 3.12
C PHE A 80 1.15 18.87 2.00
N HIS A 81 -0.17 18.78 2.21
CA HIS A 81 -1.03 18.13 1.24
C HIS A 81 -2.42 18.67 1.45
N GLY A 82 -2.92 19.42 0.48
CA GLY A 82 -4.27 19.98 0.57
C GLY A 82 -5.21 19.03 -0.15
N THR A 83 -6.40 18.87 0.44
CA THR A 83 -7.40 17.99 -0.16
C THR A 83 -8.78 18.65 -0.11
N ASP A 84 -9.74 17.99 -0.71
CA ASP A 84 -11.11 18.47 -0.62
C ASP A 84 -11.78 17.82 0.60
N ALA A 85 -12.80 18.53 1.11
CA ALA A 85 -13.43 18.19 2.40
C ALA A 85 -13.95 16.76 2.40
N ASP A 86 -14.50 16.31 1.25
CA ASP A 86 -15.02 14.96 1.13
C ASP A 86 -13.94 13.89 1.31
N SER A 87 -12.68 14.24 1.13
CA SER A 87 -11.65 13.20 1.22
C SER A 87 -11.00 13.17 2.60
N VAL A 88 -11.24 14.21 3.39
CA VAL A 88 -10.63 14.30 4.71
C VAL A 88 -10.98 13.11 5.57
N PRO A 89 -12.23 12.67 5.68
CA PRO A 89 -12.49 11.49 6.49
C PRO A 89 -11.65 10.32 6.04
N TYR A 90 -11.53 10.13 4.74
CA TYR A 90 -10.77 9.02 4.23
C TYR A 90 -9.30 9.13 4.62
N VAL A 91 -8.73 10.32 4.50
CA VAL A 91 -7.31 10.46 4.77
C VAL A 91 -7.04 10.28 6.26
N ASN A 92 -7.95 10.78 7.09
CA ASN A 92 -7.78 10.61 8.52
C ASN A 92 -7.58 9.12 8.82
N GLN A 93 -8.41 8.27 8.22
CA GLN A 93 -8.50 6.88 8.63
C GLN A 93 -7.55 6.01 7.83
N HIS A 94 -7.40 6.32 6.57
CA HIS A 94 -6.68 5.44 5.68
C HIS A 94 -5.48 6.09 5.01
N GLY A 95 -5.21 7.34 5.30
CA GLY A 95 -4.01 7.90 4.77
C GLY A 95 -4.14 8.23 3.29
N PHE A 96 -2.97 8.34 2.65
CA PHE A 96 -2.93 8.74 1.25
C PHE A 96 -2.93 7.54 0.32
N ASN A 97 -3.52 7.74 -0.85
CA ASN A 97 -3.84 6.65 -1.78
C ASN A 97 -3.76 7.22 -3.20
N ARG A 98 -2.72 6.79 -3.91
CA ARG A 98 -2.48 7.23 -5.27
C ARG A 98 -3.60 6.88 -6.23
N SER A 99 -4.34 5.81 -5.96
CA SER A 99 -5.47 5.48 -6.81
C SER A 99 -6.57 6.54 -6.78
N CYS A 100 -6.60 7.39 -5.75
CA CYS A 100 -7.62 8.43 -5.63
C CYS A 100 -7.18 9.74 -6.26
N ALA A 101 -5.95 9.83 -6.75
CA ALA A 101 -5.34 11.12 -7.05
C ALA A 101 -5.60 11.62 -8.47
N VAL A 106 -0.45 14.89 -12.30
CA VAL A 106 0.43 13.70 -12.22
C VAL A 106 1.63 13.81 -13.19
N SER A 107 2.20 15.01 -13.19
CA SER A 107 3.29 15.38 -14.06
C SER A 107 4.61 14.69 -13.71
N TYR A 108 4.86 14.36 -12.44
CA TYR A 108 6.10 13.66 -12.12
C TYR A 108 5.85 12.22 -11.74
N GLY A 109 4.62 11.73 -11.93
CA GLY A 109 4.31 10.37 -11.63
C GLY A 109 2.91 10.22 -11.08
N LYS A 110 2.39 9.01 -11.04
CA LYS A 110 1.06 8.76 -10.50
C LYS A 110 1.19 8.17 -9.09
N GLY A 111 1.69 9.04 -8.22
CA GLY A 111 1.62 8.79 -6.81
C GLY A 111 0.85 9.85 -6.10
N THR A 112 1.11 10.01 -4.81
CA THR A 112 0.56 11.12 -4.06
C THR A 112 1.53 12.29 -4.05
N TYR A 113 1.00 13.51 -4.22
CA TYR A 113 1.84 14.71 -4.26
C TYR A 113 1.89 15.37 -2.88
N PHE A 114 3.11 15.69 -2.40
CA PHE A 114 3.29 16.46 -1.16
C PHE A 114 4.09 17.73 -1.46
N ALA A 115 3.61 18.88 -0.97
CA ALA A 115 4.26 20.15 -1.23
C ALA A 115 5.15 20.57 -0.07
N VAL A 116 6.29 21.18 -0.40
CA VAL A 116 7.16 21.80 0.60
C VAL A 116 6.52 23.03 1.21
N ASP A 117 5.85 23.85 0.41
CA ASP A 117 5.28 25.11 0.84
C ASP A 117 3.78 24.98 0.99
N ALA A 118 3.26 25.47 2.12
CA ALA A 118 1.83 25.42 2.36
C ALA A 118 1.07 26.18 1.31
N SER A 119 1.65 27.31 0.86
CA SER A 119 1.07 28.09 -0.23
C SER A 119 0.74 27.22 -1.44
N TYR A 120 1.55 26.21 -1.74
CA TYR A 120 1.24 25.35 -2.87
C TYR A 120 0.04 24.47 -2.59
N SER A 121 0.04 23.78 -1.46
CA SER A 121 -1.13 23.02 -1.11
C SER A 121 -2.37 23.87 -0.93
N ALA A 122 -2.22 25.18 -0.82
CA ALA A 122 -3.34 26.07 -0.46
C ALA A 122 -4.16 26.51 -1.66
N LYS A 123 -3.72 26.19 -2.87
CA LYS A 123 -4.52 26.47 -4.05
C LYS A 123 -5.90 25.85 -3.89
N ASP A 124 -6.91 26.53 -4.42
CA ASP A 124 -8.25 25.95 -4.42
C ASP A 124 -8.30 24.68 -5.28
N THR A 125 -7.34 24.46 -6.18
CA THR A 125 -7.39 23.21 -6.91
C THR A 125 -7.09 22.04 -5.99
N TYR A 126 -6.29 22.26 -4.95
CA TYR A 126 -5.95 21.20 -4.03
C TYR A 126 -6.85 21.25 -2.79
N SER A 127 -6.79 22.31 -2.01
CA SER A 127 -7.64 22.42 -0.82
C SER A 127 -8.95 23.12 -1.20
N LYS A 128 -9.73 22.42 -2.05
CA LYS A 128 -10.99 22.96 -2.55
C LYS A 128 -11.83 23.47 -1.38
N PRO A 129 -12.38 24.68 -1.45
CA PRO A 129 -13.24 25.17 -0.35
C PRO A 129 -14.64 24.59 -0.41
N ASP A 130 -15.18 24.27 0.76
CA ASP A 130 -16.43 23.55 0.89
C ASP A 130 -17.58 24.55 0.90
N SER A 131 -18.79 24.07 1.20
CA SER A 131 -19.98 24.93 1.18
C SER A 131 -19.80 26.17 2.05
N ASN A 132 -19.30 25.99 3.27
CA ASN A 132 -19.11 27.10 4.19
C ASN A 132 -17.78 27.83 3.98
N GLY A 133 -17.03 27.47 2.94
CA GLY A 133 -15.81 28.19 2.58
C GLY A 133 -14.51 27.61 3.14
N ARG A 134 -14.57 26.48 3.83
CA ARG A 134 -13.45 25.98 4.60
C ARG A 134 -12.51 25.16 3.69
N LYS A 135 -11.21 25.31 3.92
CA LYS A 135 -10.15 24.59 3.25
C LYS A 135 -9.39 23.73 4.26
N HIS A 136 -8.75 22.68 3.74
CA HIS A 136 -8.19 21.60 4.54
C HIS A 136 -6.83 21.23 4.01
N MET A 137 -5.86 21.13 4.90
CA MET A 137 -4.49 20.85 4.52
C MET A 137 -3.82 20.02 5.61
N TYR A 138 -3.22 18.92 5.20
CA TYR A 138 -2.45 18.11 6.14
C TYR A 138 -0.99 18.51 6.20
N VAL A 139 -0.42 18.31 7.40
CA VAL A 139 1.02 18.29 7.64
C VAL A 139 1.38 16.84 7.83
N VAL A 140 2.32 16.40 7.03
CA VAL A 140 2.50 14.97 6.73
C VAL A 140 3.92 14.59 6.98
N ARG A 141 4.14 13.52 7.76
CA ARG A 141 5.43 12.88 7.77
C ARG A 141 5.54 12.04 6.49
N VAL A 142 6.56 12.28 5.67
CA VAL A 142 6.73 11.58 4.37
C VAL A 142 8.12 10.94 4.30
N LEU A 143 8.17 9.63 4.03
CA LEU A 143 9.47 8.96 3.85
C LEU A 143 9.92 9.21 2.41
N THR A 144 10.52 10.37 2.19
CA THR A 144 11.07 10.72 0.91
C THR A 144 12.38 9.99 0.63
N GLY A 145 13.16 9.60 1.65
CA GLY A 145 14.45 8.94 1.48
C GLY A 145 15.27 9.48 0.32
N VAL A 146 15.80 8.59 -0.53
CA VAL A 146 16.63 8.98 -1.65
C VAL A 146 15.71 9.31 -2.82
N PHE A 147 15.81 10.52 -3.38
CA PHE A 147 14.89 10.90 -4.42
C PHE A 147 15.59 11.30 -5.72
N THR A 148 14.80 11.33 -6.77
CA THR A 148 15.35 11.65 -8.08
C THR A 148 14.29 12.44 -8.84
N LYS A 149 14.67 12.98 -9.98
CA LYS A 149 13.67 13.74 -10.72
C LYS A 149 12.66 12.78 -11.28
N GLY A 150 11.38 13.14 -11.22
CA GLY A 150 10.37 12.32 -11.85
C GLY A 150 10.01 12.78 -13.26
N ARG A 151 9.07 12.05 -13.84
CA ARG A 151 8.56 12.34 -15.16
C ARG A 151 7.16 11.77 -15.19
N ALA A 152 6.36 12.28 -16.12
CA ALA A 152 4.98 11.83 -16.24
C ALA A 152 4.94 10.35 -16.53
N GLY A 153 3.92 9.69 -16.03
CA GLY A 153 3.74 8.28 -16.34
C GLY A 153 4.43 7.27 -15.41
N LEU A 154 5.37 7.69 -14.54
CA LEU A 154 5.90 6.74 -13.55
C LEU A 154 4.75 6.20 -12.70
N VAL A 155 4.78 4.90 -12.46
CA VAL A 155 3.90 4.27 -11.46
C VAL A 155 4.67 3.84 -10.22
N THR A 156 5.98 3.72 -10.29
CA THR A 156 6.87 3.55 -9.15
C THR A 156 8.10 4.38 -9.45
N PRO A 157 8.86 4.78 -8.44
CA PRO A 157 10.11 5.51 -8.69
C PRO A 157 11.05 4.75 -9.63
N PRO A 158 11.94 5.47 -10.29
CA PRO A 158 12.90 4.84 -11.15
C PRO A 158 13.88 3.97 -10.37
N PRO A 159 14.50 3.01 -11.05
CA PRO A 159 15.53 2.20 -10.38
C PRO A 159 16.78 3.02 -10.14
N LYS A 160 17.42 2.79 -9.01
CA LYS A 160 18.62 3.57 -8.74
C LYS A 160 19.68 3.23 -9.78
N ASN A 161 19.96 1.95 -9.95
CA ASN A 161 20.78 1.43 -11.05
C ASN A 161 19.90 0.54 -11.94
N PRO A 162 19.57 0.95 -13.19
CA PRO A 162 18.79 0.06 -14.05
C PRO A 162 19.51 -1.21 -14.52
N HIS A 163 20.67 -1.52 -13.90
CA HIS A 163 21.27 -2.84 -13.99
C HIS A 163 20.88 -3.75 -12.83
N ASN A 164 20.42 -3.17 -11.71
CA ASN A 164 19.68 -3.86 -10.64
C ASN A 164 18.30 -3.21 -10.62
N PRO A 165 17.40 -3.65 -11.50
CA PRO A 165 16.19 -2.88 -11.75
C PRO A 165 15.21 -2.82 -10.60
N THR A 166 15.38 -3.57 -9.49
CA THR A 166 14.39 -3.52 -8.42
C THR A 166 14.83 -2.73 -7.20
N ASP A 167 16.07 -2.24 -7.17
CA ASP A 167 16.49 -1.32 -6.13
C ASP A 167 16.09 0.10 -6.57
N LEU A 168 15.05 0.66 -5.95
CA LEU A 168 14.47 1.87 -6.52
C LEU A 168 14.70 3.09 -5.62
N PHE A 169 14.64 4.27 -6.25
CA PHE A 169 14.60 5.46 -5.43
C PHE A 169 13.40 5.38 -4.51
N ASP A 170 13.39 6.19 -3.44
CA ASP A 170 12.28 6.11 -2.51
C ASP A 170 11.17 7.04 -2.90
N SER A 171 11.49 8.15 -3.56
CA SER A 171 10.49 9.08 -4.06
C SER A 171 11.07 9.80 -5.29
N VAL A 172 10.25 10.63 -5.91
CA VAL A 172 10.70 11.55 -6.96
C VAL A 172 10.28 12.98 -6.63
N THR A 173 10.90 13.95 -7.30
CA THR A 173 10.73 15.38 -7.06
C THR A 173 10.68 16.11 -8.40
N ASN A 174 10.26 17.39 -8.40
CA ASN A 174 10.28 18.16 -9.64
C ASN A 174 11.67 18.72 -9.91
N ASN A 175 12.46 18.88 -8.83
CA ASN A 175 13.78 19.49 -8.91
C ASN A 175 14.61 18.86 -7.80
N THR A 176 15.74 18.28 -8.17
CA THR A 176 16.53 17.54 -7.19
C THR A 176 17.32 18.47 -6.30
N ARG A 177 17.92 19.49 -6.92
CA ARG A 177 18.78 20.40 -6.20
C ARG A 177 17.99 21.31 -5.29
N SER A 178 16.71 21.45 -5.55
CA SER A 178 15.92 22.42 -4.81
C SER A 178 14.47 21.97 -4.93
N PRO A 179 14.13 20.85 -4.31
CA PRO A 179 12.77 20.32 -4.47
C PRO A 179 11.66 21.22 -3.92
N LYS A 180 10.54 21.22 -4.64
CA LYS A 180 9.32 21.88 -4.18
C LYS A 180 8.05 20.99 -4.21
N LEU A 181 8.12 19.80 -4.78
CA LEU A 181 7.13 18.80 -4.46
C LEU A 181 7.78 17.44 -4.43
N PHE A 182 7.13 16.51 -3.71
CA PHE A 182 7.57 15.11 -3.64
C PHE A 182 6.42 14.21 -4.03
N VAL A 183 6.75 13.08 -4.67
CA VAL A 183 5.75 12.08 -5.03
C VAL A 183 6.23 10.76 -4.44
N VAL A 184 5.35 10.05 -3.76
CA VAL A 184 5.64 8.73 -3.22
C VAL A 184 4.59 7.77 -3.77
N PHE A 185 4.99 6.55 -4.10
CA PHE A 185 4.10 5.66 -4.86
C PHE A 185 3.62 4.45 -4.07
N PHE A 186 3.91 4.36 -2.77
CA PHE A 186 3.48 3.24 -1.94
C PHE A 186 2.73 3.68 -0.67
N ASP A 187 1.74 2.86 -0.30
CA ASP A 187 0.93 3.12 0.88
C ASP A 187 1.84 3.12 2.10
N ASN A 188 1.49 3.96 3.04
CA ASN A 188 2.17 3.97 4.33
C ASN A 188 3.62 4.45 4.20
N GLN A 189 3.92 5.16 3.12
CA GLN A 189 5.13 5.94 3.08
C GLN A 189 4.94 7.34 3.63
N ALA A 190 3.70 7.72 3.93
CA ALA A 190 3.33 9.06 4.41
C ALA A 190 2.36 8.86 5.57
N TYR A 191 2.61 9.58 6.68
CA TYR A 191 1.69 9.64 7.81
C TYR A 191 1.03 11.01 7.95
N PRO A 192 -0.26 11.12 7.89
CA PRO A 192 -0.93 12.43 8.03
C PRO A 192 -1.00 12.82 9.50
N GLU A 193 -0.29 13.87 9.88
CA GLU A 193 0.00 14.09 11.29
C GLU A 193 -0.81 15.20 11.89
N TYR A 194 -1.19 16.21 11.10
CA TYR A 194 -2.08 17.30 11.53
C TYR A 194 -2.99 17.70 10.39
N LEU A 195 -4.21 18.10 10.74
CA LEU A 195 -5.13 18.68 9.78
C LEU A 195 -5.36 20.13 10.15
N ILE A 196 -5.07 21.01 9.21
CA ILE A 196 -5.24 22.43 9.39
C ILE A 196 -6.54 22.80 8.68
N THR A 197 -7.49 23.34 9.42
CA THR A 197 -8.72 23.82 8.81
C THR A 197 -8.62 25.34 8.76
N PHE A 198 -8.73 25.89 7.55
CA PHE A 198 -8.44 27.30 7.37
C PHE A 198 -9.36 27.85 6.28
N THR A 199 -9.30 29.18 6.08
CA THR A 199 -10.16 29.91 5.14
C THR A 199 -9.36 31.01 4.47
N ALA A 200 -9.81 31.40 3.27
CA ALA A 200 -9.10 32.43 2.54
C ALA A 200 -9.15 33.77 3.27
N ASN B 3 12.19 -11.86 13.36
CA ASN B 3 10.73 -11.94 13.55
C ASN B 3 10.11 -12.79 12.41
N LEU B 4 10.91 -13.64 11.82
CA LEU B 4 10.43 -14.34 10.63
C LEU B 4 9.99 -15.75 11.00
N PRO B 5 9.10 -16.35 10.19
CA PRO B 5 8.71 -17.75 10.46
C PRO B 5 9.88 -18.68 10.75
N GLU B 6 9.76 -19.52 11.80
CA GLU B 6 10.91 -20.31 12.20
C GLU B 6 11.21 -21.49 11.27
N HIS B 7 10.43 -21.74 10.22
CA HIS B 7 10.80 -22.76 9.26
C HIS B 7 11.51 -22.24 8.02
N TRP B 8 11.60 -20.92 7.81
CA TRP B 8 12.34 -20.41 6.66
C TRP B 8 13.82 -20.74 6.84
N THR B 9 14.56 -20.76 5.74
CA THR B 9 15.99 -20.94 5.80
C THR B 9 16.68 -19.69 6.34
N ASP B 10 17.62 -19.89 7.26
CA ASP B 10 18.46 -18.79 7.70
C ASP B 10 18.92 -18.05 6.44
N MET B 11 18.73 -16.75 6.42
CA MET B 11 19.15 -15.95 5.27
C MET B 11 20.41 -15.16 5.55
N ASN B 12 20.95 -15.27 6.75
CA ASN B 12 22.22 -14.66 7.11
C ASN B 12 22.18 -13.15 6.98
N HIS B 13 21.11 -12.55 7.53
CA HIS B 13 20.87 -11.11 7.49
C HIS B 13 20.67 -10.57 6.07
N GLN B 14 20.59 -11.44 5.07
CA GLN B 14 19.93 -11.06 3.83
C GLN B 14 18.44 -10.84 4.13
N LEU B 15 17.79 -10.13 3.23
CA LEU B 15 16.40 -9.76 3.39
C LEU B 15 15.49 -10.53 2.43
N PHE B 16 16.05 -11.38 1.60
CA PHE B 16 15.26 -11.94 0.51
C PHE B 16 15.99 -13.16 -0.02
N CYS B 17 15.28 -14.26 -0.22
CA CYS B 17 15.79 -15.33 -1.10
C CYS B 17 14.61 -16.21 -1.52
N MET B 18 14.89 -17.11 -2.46
CA MET B 18 13.93 -18.07 -2.99
C MET B 18 14.45 -19.46 -2.64
N VAL B 19 13.57 -20.33 -2.16
CA VAL B 19 13.98 -21.62 -1.64
C VAL B 19 13.22 -22.63 -2.42
N GLN B 20 13.95 -23.40 -3.23
CA GLN B 20 13.30 -24.41 -4.03
C GLN B 20 12.90 -25.60 -3.17
N LEU B 21 11.67 -26.09 -3.39
CA LEU B 21 11.06 -27.10 -2.56
C LEU B 21 11.26 -28.49 -3.15
N GLU B 22 11.16 -29.50 -2.27
CA GLU B 22 11.40 -30.87 -2.71
C GLU B 22 10.10 -31.64 -2.77
N PRO B 23 9.78 -32.26 -3.91
CA PRO B 23 8.65 -33.20 -3.92
C PRO B 23 8.75 -34.23 -2.80
N GLY B 24 7.59 -34.60 -2.26
CA GLY B 24 7.53 -35.57 -1.16
C GLY B 24 7.24 -34.84 0.13
N GLN B 25 7.94 -33.73 0.31
CA GLN B 25 7.71 -32.91 1.46
C GLN B 25 6.27 -32.41 1.45
N SER B 26 5.68 -32.35 2.64
CA SER B 26 4.29 -31.93 2.73
C SER B 26 4.09 -30.55 2.17
N GLU B 27 5.07 -29.67 2.33
CA GLU B 27 4.99 -28.30 1.85
C GLU B 27 4.80 -28.27 0.33
N TYR B 28 5.64 -29.05 -0.36
CA TYR B 28 5.58 -29.09 -1.81
C TYR B 28 4.30 -29.79 -2.28
N ASN B 29 3.99 -30.91 -1.66
CA ASN B 29 2.93 -31.78 -2.13
C ASN B 29 1.56 -31.16 -1.92
N THR B 30 1.38 -30.32 -0.90
CA THR B 30 0.08 -29.68 -0.71
CA THR B 30 0.10 -29.67 -0.71
C THR B 30 -0.14 -28.57 -1.74
N ILE B 31 0.91 -27.82 -2.09
CA ILE B 31 0.70 -26.81 -3.15
C ILE B 31 0.40 -27.51 -4.46
N LYS B 32 1.13 -28.59 -4.76
CA LYS B 32 0.85 -29.26 -6.02
C LYS B 32 -0.58 -29.80 -6.06
N ASP B 33 -1.07 -30.31 -4.92
CA ASP B 33 -2.44 -30.83 -4.91
C ASP B 33 -3.40 -29.72 -5.18
N LYS B 34 -3.21 -28.62 -4.46
CA LYS B 34 -4.02 -27.44 -4.64
C LYS B 34 -4.11 -27.04 -6.10
N PHE B 35 -2.95 -26.96 -6.75
CA PHE B 35 -2.82 -26.62 -8.16
C PHE B 35 -3.55 -27.62 -9.04
N THR B 36 -3.16 -28.89 -8.93
CA THR B 36 -3.63 -29.92 -9.86
C THR B 36 -5.07 -30.27 -9.62
N ARG B 37 -5.61 -29.80 -8.51
CA ARG B 37 -7.01 -29.98 -8.24
C ARG B 37 -7.83 -29.43 -9.41
N THR B 38 -7.37 -28.32 -10.05
CA THR B 38 -8.00 -27.76 -11.25
C THR B 38 -7.06 -27.66 -12.47
N CYS B 39 -5.76 -27.87 -12.29
CA CYS B 39 -4.78 -27.75 -13.37
C CYS B 39 -4.05 -29.07 -13.55
N SER B 40 -4.78 -30.18 -13.64
CA SER B 40 -4.16 -31.50 -13.82
C SER B 40 -3.39 -31.67 -15.16
N SER B 41 -3.73 -30.91 -16.23
CA SER B 41 -3.11 -31.11 -17.56
C SER B 41 -1.98 -30.10 -17.87
N TYR B 42 -1.45 -29.44 -16.84
CA TYR B 42 -0.14 -28.79 -16.82
C TYR B 42 0.72 -29.57 -15.84
N ALA B 43 2.06 -29.37 -15.95
CA ALA B 43 3.04 -30.08 -15.15
C ALA B 43 3.94 -29.05 -14.51
N ILE B 44 4.21 -29.26 -13.21
CA ILE B 44 5.01 -28.34 -12.42
C ILE B 44 6.49 -28.64 -12.66
N GLU B 45 7.24 -27.60 -13.01
CA GLU B 45 8.68 -27.66 -13.11
C GLU B 45 9.33 -27.57 -11.75
N LYS B 46 8.94 -26.56 -10.95
CA LYS B 46 9.50 -26.30 -9.65
C LYS B 46 8.56 -25.38 -8.84
N ILE B 47 8.70 -25.44 -7.51
CA ILE B 47 7.96 -24.53 -6.63
C ILE B 47 8.95 -23.93 -5.64
N GLU B 48 8.92 -22.62 -5.52
CA GLU B 48 9.89 -21.86 -4.76
C GLU B 48 9.12 -21.18 -3.66
N ARG B 49 9.61 -21.35 -2.43
CA ARG B 49 9.15 -20.56 -1.30
C ARG B 49 9.82 -19.21 -1.37
N ILE B 50 9.00 -18.14 -1.38
CA ILE B 50 9.50 -16.78 -1.33
C ILE B 50 9.66 -16.36 0.12
N GLN B 51 10.88 -15.97 0.49
CA GLN B 51 11.26 -15.50 1.82
C GLN B 51 11.68 -14.05 1.63
N ASN B 52 10.80 -13.11 1.86
CA ASN B 52 11.07 -11.68 1.66
C ASN B 52 10.74 -11.01 3.01
N ALA B 53 11.78 -10.71 3.82
CA ALA B 53 11.53 -10.27 5.17
C ALA B 53 10.66 -9.03 5.21
N PHE B 54 10.95 -8.01 4.38
CA PHE B 54 10.21 -6.75 4.49
C PHE B 54 8.75 -6.92 4.07
N LEU B 55 8.49 -7.67 2.98
CA LEU B 55 7.10 -7.80 2.55
C LEU B 55 6.31 -8.56 3.60
N TRP B 56 6.92 -9.58 4.13
CA TRP B 56 6.38 -10.35 5.24
C TRP B 56 6.03 -9.42 6.40
N GLN B 57 6.95 -8.54 6.78
CA GLN B 57 6.79 -7.73 7.97
C GLN B 57 5.59 -6.81 7.80
N SER B 58 5.54 -6.07 6.70
CA SER B 58 4.41 -5.19 6.41
C SER B 58 3.12 -5.97 6.23
N TYR B 59 3.18 -7.11 5.54
CA TYR B 59 1.97 -7.93 5.45
C TYR B 59 1.46 -8.34 6.83
N GLN B 60 2.33 -9.03 7.63
CA GLN B 60 1.88 -9.47 8.95
C GLN B 60 1.31 -8.31 9.75
N VAL B 61 1.81 -7.10 9.53
CA VAL B 61 1.23 -5.95 10.24
C VAL B 61 -0.20 -5.69 9.77
N LYS B 62 -0.43 -5.77 8.47
CA LYS B 62 -1.80 -5.55 7.97
C LYS B 62 -2.73 -6.66 8.44
N LYS B 63 -2.18 -7.89 8.62
CA LYS B 63 -3.06 -8.98 8.98
C LYS B 63 -3.48 -8.79 10.44
N ARG B 64 -2.50 -8.40 11.26
CA ARG B 64 -2.76 -8.08 12.67
CA ARG B 64 -2.80 -8.13 12.67
C ARG B 64 -3.87 -7.06 12.79
N GLN B 65 -3.78 -6.01 11.97
CA GLN B 65 -4.75 -4.92 11.97
C GLN B 65 -6.14 -5.40 11.54
N MET B 66 -6.22 -6.20 10.48
CA MET B 66 -7.52 -6.74 10.09
C MET B 66 -8.03 -7.75 11.11
N ASP B 67 -7.15 -8.58 11.70
CA ASP B 67 -7.65 -9.44 12.78
C ASP B 67 -8.28 -8.62 13.92
N ILE B 68 -7.68 -7.49 14.28
CA ILE B 68 -8.22 -6.68 15.36
C ILE B 68 -9.54 -6.06 14.92
N LYS B 69 -9.59 -5.62 13.68
CA LYS B 69 -10.77 -4.84 13.30
C LYS B 69 -12.00 -5.71 13.05
N ASN B 70 -11.81 -6.89 12.45
CA ASN B 70 -12.91 -7.79 12.21
C ASN B 70 -13.03 -8.80 13.37
N ASP B 71 -14.21 -9.38 13.47
CA ASP B 71 -14.65 -10.07 14.67
C ASP B 71 -14.52 -11.56 14.43
N HIS B 72 -13.35 -12.10 14.81
CA HIS B 72 -13.03 -13.51 14.69
C HIS B 72 -13.29 -13.98 13.26
N LYS B 73 -12.89 -13.17 12.29
CA LYS B 73 -13.18 -13.53 10.90
C LYS B 73 -11.98 -14.27 10.37
N ASN B 74 -12.23 -15.22 9.51
CA ASN B 74 -11.10 -15.85 8.83
C ASN B 74 -10.73 -14.83 7.76
N ASN B 75 -9.76 -13.98 8.06
CA ASN B 75 -9.45 -12.89 7.16
C ASN B 75 -8.52 -13.23 6.00
N GLU B 76 -7.84 -14.39 6.06
CA GLU B 76 -6.80 -14.75 5.09
C GLU B 76 -7.14 -15.97 4.26
N ARG B 77 -6.87 -15.87 2.94
CA ARG B 77 -7.09 -16.94 2.00
C ARG B 77 -5.81 -17.23 1.25
N LEU B 78 -5.70 -18.43 0.79
CA LEU B 78 -4.58 -18.82 -0.05
C LEU B 78 -5.10 -18.86 -1.49
N LEU B 79 -4.68 -17.92 -2.26
CA LEU B 79 -5.18 -17.75 -3.61
C LEU B 79 -4.06 -17.80 -4.63
N PHE B 80 -4.40 -17.93 -5.92
CA PHE B 80 -3.39 -17.96 -6.97
C PHE B 80 -3.32 -16.69 -7.82
N HIS B 81 -2.13 -16.42 -8.37
CA HIS B 81 -1.96 -15.27 -9.24
C HIS B 81 -1.06 -15.61 -10.42
N GLY B 82 -1.64 -15.72 -11.59
CA GLY B 82 -0.83 -15.86 -12.80
C GLY B 82 -0.23 -14.52 -13.21
N THR B 83 1.01 -14.56 -13.63
CA THR B 83 1.66 -13.40 -14.20
C THR B 83 2.73 -13.78 -15.23
N ASP B 84 3.31 -12.76 -15.81
CA ASP B 84 4.33 -12.92 -16.84
C ASP B 84 5.70 -12.86 -16.22
N ALA B 85 6.64 -13.49 -16.92
CA ALA B 85 8.04 -13.53 -16.55
C ALA B 85 8.58 -12.16 -16.20
N ASP B 86 8.20 -11.15 -16.97
CA ASP B 86 8.79 -9.85 -16.77
C ASP B 86 8.39 -9.24 -15.43
N SER B 87 7.33 -9.72 -14.79
CA SER B 87 6.88 -9.17 -13.52
C SER B 87 7.40 -9.95 -12.34
N VAL B 88 7.90 -11.16 -12.57
CA VAL B 88 8.29 -11.99 -11.42
C VAL B 88 9.34 -11.27 -10.59
N PRO B 89 10.39 -10.67 -11.16
CA PRO B 89 11.37 -10.01 -10.30
C PRO B 89 10.74 -8.93 -9.43
N TYR B 90 9.82 -8.15 -9.99
CA TYR B 90 9.22 -7.09 -9.22
C TYR B 90 8.37 -7.65 -8.08
N VAL B 91 7.50 -8.60 -8.41
CA VAL B 91 6.56 -9.11 -7.41
C VAL B 91 7.36 -9.78 -6.29
N ASN B 92 8.46 -10.48 -6.66
CA ASN B 92 9.27 -11.17 -5.64
C ASN B 92 9.80 -10.16 -4.59
N GLN B 93 10.38 -9.06 -5.05
CA GLN B 93 10.98 -8.12 -4.10
C GLN B 93 9.96 -7.14 -3.54
N HIS B 94 8.97 -6.78 -4.32
CA HIS B 94 8.10 -5.68 -3.96
C HIS B 94 6.66 -6.09 -3.76
N GLY B 95 6.30 -7.31 -4.11
CA GLY B 95 4.94 -7.70 -4.04
C GLY B 95 4.08 -7.09 -5.16
N PHE B 96 2.79 -7.16 -4.87
CA PHE B 96 1.76 -6.80 -5.82
C PHE B 96 1.43 -5.33 -5.73
N ASN B 97 1.23 -4.73 -6.88
CA ASN B 97 1.09 -3.29 -7.06
C ASN B 97 -0.05 -3.09 -8.03
N ARG B 98 -1.19 -2.71 -7.47
CA ARG B 98 -2.40 -2.38 -8.22
C ARG B 98 -2.15 -1.43 -9.35
N SER B 99 -1.10 -0.62 -9.27
CA SER B 99 -0.84 0.36 -10.32
C SER B 99 -0.35 -0.32 -11.59
N CYS B 100 0.17 -1.55 -11.44
CA CYS B 100 0.73 -2.39 -12.46
C CYS B 100 -0.22 -3.46 -12.96
N ALA B 101 -1.35 -3.66 -12.31
CA ALA B 101 -2.18 -4.83 -12.60
C ALA B 101 -2.87 -4.76 -13.96
N GLY B 102 -3.14 -5.94 -14.57
CA GLY B 102 -3.94 -5.95 -15.79
C GLY B 102 -5.44 -5.73 -15.55
N LYS B 103 -6.11 -5.28 -16.64
CA LYS B 103 -7.56 -5.27 -16.73
C LYS B 103 -8.07 -6.68 -16.95
N ASN B 104 -8.93 -7.16 -16.02
CA ASN B 104 -9.47 -8.52 -16.08
C ASN B 104 -10.61 -8.56 -17.05
N ALA B 105 -10.74 -9.67 -17.78
CA ALA B 105 -11.81 -9.82 -18.75
C ALA B 105 -13.17 -9.54 -18.14
N VAL B 106 -13.37 -9.92 -16.88
CA VAL B 106 -14.57 -9.53 -16.14
C VAL B 106 -14.05 -8.72 -14.96
N SER B 107 -14.18 -7.44 -15.06
CA SER B 107 -13.65 -6.55 -14.06
C SER B 107 -14.65 -6.23 -12.96
N TYR B 108 -14.17 -6.41 -11.74
CA TYR B 108 -14.90 -6.08 -10.54
C TYR B 108 -14.23 -5.00 -9.71
N GLY B 109 -13.22 -4.34 -10.26
CA GLY B 109 -12.63 -3.14 -9.71
C GLY B 109 -11.23 -3.01 -10.27
N LYS B 110 -10.62 -1.87 -10.02
CA LYS B 110 -9.26 -1.60 -10.49
C LYS B 110 -8.27 -1.96 -9.38
N GLY B 111 -7.77 -3.18 -9.43
CA GLY B 111 -7.00 -3.68 -8.30
C GLY B 111 -6.28 -4.90 -8.79
N THR B 112 -5.57 -5.54 -7.86
CA THR B 112 -4.86 -6.80 -8.10
C THR B 112 -5.79 -7.97 -7.89
N TYR B 113 -5.80 -8.89 -8.88
CA TYR B 113 -6.71 -10.01 -8.88
C TYR B 113 -6.01 -11.30 -8.48
N PHE B 114 -6.72 -12.10 -7.68
CA PHE B 114 -6.30 -13.37 -7.17
C PHE B 114 -7.42 -14.38 -7.39
N ALA B 115 -7.02 -15.62 -7.60
CA ALA B 115 -7.96 -16.63 -7.99
C ALA B 115 -8.12 -17.73 -6.98
N VAL B 116 -9.36 -18.21 -6.83
CA VAL B 116 -9.56 -19.42 -6.04
C VAL B 116 -8.96 -20.64 -6.73
N ASP B 117 -9.19 -20.78 -8.03
CA ASP B 117 -8.76 -21.94 -8.82
C ASP B 117 -7.49 -21.65 -9.59
N ALA B 118 -6.53 -22.58 -9.49
CA ALA B 118 -5.35 -22.39 -10.30
C ALA B 118 -5.67 -22.37 -11.80
N SER B 119 -6.64 -23.19 -12.23
CA SER B 119 -7.07 -23.18 -13.63
C SER B 119 -7.32 -21.78 -14.20
N TYR B 120 -7.85 -20.86 -13.40
CA TYR B 120 -8.09 -19.50 -13.87
C TYR B 120 -6.77 -18.78 -14.13
N SER B 121 -5.90 -18.80 -13.12
CA SER B 121 -4.58 -18.21 -13.22
C SER B 121 -3.75 -18.83 -14.32
N ALA B 122 -4.02 -20.09 -14.62
CA ALA B 122 -3.29 -20.90 -15.62
C ALA B 122 -3.50 -20.36 -17.00
N LYS B 123 -4.50 -19.50 -17.15
CA LYS B 123 -4.83 -19.04 -18.50
C LYS B 123 -3.71 -18.21 -19.10
N ASP B 124 -3.54 -18.32 -20.45
CA ASP B 124 -2.37 -17.71 -21.02
C ASP B 124 -2.35 -16.23 -20.81
N THR B 125 -3.53 -15.60 -20.74
CA THR B 125 -3.55 -14.15 -20.60
C THR B 125 -2.96 -13.66 -19.28
N TYR B 126 -2.94 -14.50 -18.22
CA TYR B 126 -2.25 -14.19 -16.93
C TYR B 126 -0.84 -14.73 -16.86
N SER B 127 -0.69 -16.04 -16.81
CA SER B 127 0.62 -16.71 -16.77
C SER B 127 1.17 -16.92 -18.19
N LYS B 128 1.52 -15.79 -18.84
CA LYS B 128 2.01 -15.81 -20.20
C LYS B 128 3.24 -16.69 -20.30
N PRO B 129 3.26 -17.65 -21.20
CA PRO B 129 4.46 -18.44 -21.45
C PRO B 129 5.65 -17.56 -21.81
N ASP B 130 6.80 -17.78 -21.12
CA ASP B 130 7.96 -16.99 -21.48
C ASP B 130 8.57 -17.60 -22.73
N SER B 131 9.75 -17.13 -23.14
CA SER B 131 10.36 -17.61 -24.38
C SER B 131 10.67 -19.10 -24.38
N ASN B 132 10.82 -19.74 -23.20
CA ASN B 132 11.09 -21.17 -23.10
C ASN B 132 9.85 -21.99 -22.79
N GLY B 133 8.67 -21.39 -22.84
CA GLY B 133 7.46 -22.15 -22.61
C GLY B 133 7.07 -22.23 -21.14
N ARG B 134 7.72 -21.46 -20.31
CA ARG B 134 7.53 -21.64 -18.88
C ARG B 134 6.44 -20.66 -18.47
N LYS B 135 5.48 -21.15 -17.71
CA LYS B 135 4.44 -20.30 -17.16
C LYS B 135 4.67 -20.19 -15.64
N HIS B 136 4.17 -19.08 -15.07
CA HIS B 136 4.46 -18.65 -13.70
C HIS B 136 3.20 -18.27 -12.94
N MET B 137 3.04 -18.84 -11.75
CA MET B 137 1.85 -18.64 -10.97
C MET B 137 2.28 -18.47 -9.52
N TYR B 138 1.83 -17.41 -8.88
CA TYR B 138 2.06 -17.25 -7.45
C TYR B 138 0.99 -17.98 -6.68
N VAL B 139 1.38 -18.47 -5.48
CA VAL B 139 0.40 -18.85 -4.50
C VAL B 139 0.53 -17.86 -3.34
N VAL B 140 -0.57 -17.24 -2.98
CA VAL B 140 -0.53 -15.97 -2.28
C VAL B 140 -1.41 -16.00 -1.03
N ARG B 141 -0.89 -15.47 0.05
CA ARG B 141 -1.70 -15.21 1.23
C ARG B 141 -2.33 -13.85 1.04
N VAL B 142 -3.67 -13.81 0.98
CA VAL B 142 -4.42 -12.63 0.57
C VAL B 142 -5.39 -12.27 1.67
N LEU B 143 -5.35 -11.03 2.11
CA LEU B 143 -6.19 -10.70 3.24
C LEU B 143 -7.51 -10.29 2.64
N THR B 144 -8.39 -11.24 2.48
CA THR B 144 -9.67 -11.00 1.86
C THR B 144 -10.66 -10.46 2.89
N GLY B 145 -10.51 -10.79 4.15
CA GLY B 145 -11.38 -10.10 5.09
C GLY B 145 -12.86 -10.30 4.86
N VAL B 146 -13.61 -9.24 5.07
CA VAL B 146 -15.04 -9.28 4.83
C VAL B 146 -15.25 -8.67 3.46
N PHE B 147 -15.98 -9.36 2.60
CA PHE B 147 -16.02 -8.91 1.20
C PHE B 147 -17.44 -8.83 0.66
N THR B 148 -17.55 -8.19 -0.52
CA THR B 148 -18.82 -8.05 -1.18
C THR B 148 -18.55 -8.10 -2.69
N LYS B 149 -19.60 -8.34 -3.45
CA LYS B 149 -19.49 -8.25 -4.91
C LYS B 149 -18.95 -6.87 -5.32
N GLY B 150 -17.96 -6.86 -6.22
CA GLY B 150 -17.35 -5.64 -6.71
C GLY B 150 -18.05 -5.13 -7.95
N ARG B 151 -17.54 -4.02 -8.47
CA ARG B 151 -18.05 -3.39 -9.70
C ARG B 151 -16.86 -2.74 -10.38
N ALA B 152 -16.83 -2.78 -11.73
CA ALA B 152 -15.68 -2.31 -12.46
C ALA B 152 -15.19 -0.94 -12.01
N GLY B 153 -16.07 0.03 -11.75
CA GLY B 153 -15.47 1.31 -11.42
C GLY B 153 -14.72 1.47 -10.08
N LEU B 154 -14.51 0.41 -9.30
CA LEU B 154 -13.98 0.59 -7.94
C LEU B 154 -12.46 0.83 -7.93
N VAL B 155 -12.04 1.84 -7.21
CA VAL B 155 -10.63 2.07 -6.99
C VAL B 155 -10.24 1.71 -5.56
N THR B 156 -11.18 1.64 -4.64
CA THR B 156 -11.01 1.04 -3.33
C THR B 156 -12.21 0.15 -3.07
N PRO B 157 -12.17 -0.74 -2.10
CA PRO B 157 -13.35 -1.56 -1.80
C PRO B 157 -14.49 -0.64 -1.44
N PRO B 158 -15.73 -1.06 -1.61
CA PRO B 158 -16.84 -0.21 -1.22
C PRO B 158 -16.97 -0.09 0.32
N PRO B 159 -17.55 1.00 0.75
CA PRO B 159 -18.02 1.12 2.14
C PRO B 159 -19.13 0.15 2.47
N LYS B 160 -19.16 -0.31 3.70
CA LYS B 160 -20.24 -1.21 4.13
C LYS B 160 -21.57 -0.47 4.22
N ASN B 161 -21.52 0.83 4.45
CA ASN B 161 -22.69 1.65 4.53
C ASN B 161 -22.35 2.93 3.79
N PRO B 162 -23.18 3.35 2.85
CA PRO B 162 -22.86 4.56 2.10
C PRO B 162 -22.60 5.76 2.99
N HIS B 163 -23.19 5.77 4.18
CA HIS B 163 -23.26 6.99 4.99
C HIS B 163 -22.10 7.10 5.94
N ASN B 164 -21.24 6.10 5.91
CA ASN B 164 -19.97 6.06 6.64
C ASN B 164 -18.94 5.62 5.60
N PRO B 165 -18.49 6.55 4.77
CA PRO B 165 -17.76 6.14 3.55
C PRO B 165 -16.39 5.57 3.83
N THR B 166 -15.88 5.74 5.03
CA THR B 166 -14.55 5.25 5.31
C THR B 166 -14.50 3.88 6.00
N ASP B 167 -15.63 3.27 6.30
CA ASP B 167 -15.63 1.94 6.92
C ASP B 167 -15.73 0.91 5.79
N LEU B 168 -14.61 0.36 5.35
CA LEU B 168 -14.58 -0.35 4.06
C LEU B 168 -14.65 -1.85 4.22
N PHE B 169 -15.30 -2.48 3.22
CA PHE B 169 -15.04 -3.90 2.98
C PHE B 169 -13.53 -4.07 2.82
N ASP B 170 -13.01 -5.26 3.11
CA ASP B 170 -11.58 -5.44 2.93
C ASP B 170 -11.21 -5.84 1.51
N SER B 171 -12.10 -6.53 0.82
CA SER B 171 -11.87 -6.90 -0.55
C SER B 171 -13.21 -7.07 -1.26
N VAL B 172 -13.13 -7.43 -2.50
CA VAL B 172 -14.34 -7.70 -3.27
C VAL B 172 -14.12 -8.94 -4.12
N THR B 173 -15.22 -9.48 -4.61
CA THR B 173 -15.24 -10.80 -5.26
C THR B 173 -16.22 -10.71 -6.39
N ASN B 174 -16.24 -11.73 -7.24
CA ASN B 174 -17.15 -11.75 -8.37
C ASN B 174 -18.53 -12.23 -7.94
N ASN B 175 -18.56 -13.09 -6.93
CA ASN B 175 -19.82 -13.65 -6.44
C ASN B 175 -19.70 -13.99 -4.94
N THR B 176 -20.55 -13.38 -4.08
CA THR B 176 -20.38 -13.61 -2.65
C THR B 176 -20.73 -15.05 -2.27
N ARG B 177 -21.69 -15.65 -2.97
CA ARG B 177 -22.12 -17.01 -2.65
C ARG B 177 -21.17 -18.07 -3.17
N SER B 178 -20.39 -17.78 -4.21
CA SER B 178 -19.43 -18.75 -4.77
C SER B 178 -18.23 -17.98 -5.30
N PRO B 179 -17.44 -17.40 -4.42
CA PRO B 179 -16.34 -16.56 -4.85
C PRO B 179 -15.34 -17.39 -5.66
N LYS B 180 -14.98 -16.91 -6.83
CA LYS B 180 -13.91 -17.54 -7.61
C LYS B 180 -12.73 -16.61 -7.85
N LEU B 181 -12.91 -15.32 -7.61
CA LEU B 181 -11.81 -14.37 -7.61
C LEU B 181 -12.02 -13.32 -6.52
N PHE B 182 -10.91 -12.65 -6.22
CA PHE B 182 -10.91 -11.57 -5.27
C PHE B 182 -10.09 -10.43 -5.78
N VAL B 183 -10.46 -9.23 -5.37
CA VAL B 183 -9.71 -8.06 -5.75
C VAL B 183 -9.33 -7.25 -4.53
N VAL B 184 -8.05 -6.90 -4.45
CA VAL B 184 -7.53 -6.14 -3.32
C VAL B 184 -6.96 -4.82 -3.81
N PHE B 185 -7.14 -3.78 -2.96
CA PHE B 185 -6.89 -2.42 -3.38
C PHE B 185 -5.80 -1.69 -2.62
N PHE B 186 -4.97 -2.41 -1.87
CA PHE B 186 -3.94 -1.82 -1.01
C PHE B 186 -2.66 -2.62 -1.04
N ASP B 187 -1.54 -1.91 -0.96
CA ASP B 187 -0.24 -2.54 -0.81
C ASP B 187 -0.15 -3.34 0.49
N ASN B 188 0.57 -4.44 0.42
CA ASN B 188 0.85 -5.23 1.59
C ASN B 188 -0.40 -5.94 2.09
N GLN B 189 -1.36 -6.23 1.23
CA GLN B 189 -2.54 -6.98 1.63
C GLN B 189 -2.47 -8.39 1.09
N ALA B 190 -1.45 -8.66 0.27
CA ALA B 190 -1.22 -9.96 -0.35
C ALA B 190 0.28 -10.24 -0.26
N TYR B 191 0.64 -11.43 0.29
CA TYR B 191 2.04 -11.87 0.43
C TYR B 191 2.38 -13.01 -0.57
N PRO B 192 3.26 -12.77 -1.49
CA PRO B 192 3.58 -13.82 -2.47
C PRO B 192 4.43 -14.89 -1.80
N GLU B 193 3.82 -16.03 -1.45
CA GLU B 193 4.56 -17.08 -0.71
C GLU B 193 5.22 -18.17 -1.53
N TYR B 194 4.63 -18.60 -2.67
CA TYR B 194 5.35 -19.58 -3.49
C TYR B 194 5.16 -19.18 -4.93
N LEU B 195 6.15 -19.50 -5.70
CA LEU B 195 6.09 -19.32 -7.13
C LEU B 195 6.17 -20.70 -7.78
N ILE B 196 5.13 -21.01 -8.57
CA ILE B 196 5.02 -22.25 -9.30
C ILE B 196 5.47 -21.93 -10.71
N THR B 197 6.51 -22.64 -11.16
CA THR B 197 6.93 -22.57 -12.56
C THR B 197 6.37 -23.82 -13.22
N PHE B 198 5.62 -23.63 -14.31
CA PHE B 198 5.00 -24.81 -14.89
C PHE B 198 4.93 -24.66 -16.41
N THR B 199 4.55 -25.74 -17.05
CA THR B 199 4.68 -25.90 -18.49
C THR B 199 3.54 -26.81 -18.90
N ALA B 200 3.26 -26.80 -20.18
CA ALA B 200 2.35 -27.79 -20.73
C ALA B 200 3.13 -29.04 -21.10
#